data_5GQB
#
_entry.id   5GQB
#
_cell.length_a   49.276
_cell.length_b   114.220
_cell.length_c   123.382
_cell.angle_alpha   90.00
_cell.angle_beta   90.00
_cell.angle_gamma   90.00
#
_symmetry.space_group_name_H-M   'P 2 21 21'
#
loop_
_entity.id
_entity.type
_entity.pdbx_description
1 polymer Chitinase
2 branched 2-amino-2-deoxy-beta-D-glucopyranose-(1-4)-2-amino-2-deoxy-beta-D-glucopyranose-(1-4)-2-amino-2-deoxy-beta-D-glucopyranose-(1-4)-2-amino-2-deoxy-beta-D-glucopyranose-(1-4)-2-amino-2-deoxy-beta-D-glucopyranose-(1-4)-2-amino-2-deoxy-beta-D-glucopyranose-(1-4)-2-amino-2-deoxy-beta-D-glucopyranose
3 branched 2-acetamido-2-deoxy-beta-D-glucopyranose-(1-4)-2-acetamido-2-deoxy-beta-D-glucopyranose
4 non-polymer 2-acetamido-2-deoxy-beta-D-glucopyranose
5 water water
#
_entity_poly.entity_id   1
_entity_poly.type   'polypeptide(L)'
_entity_poly.pdbx_seq_one_letter_code
;MGRLAIVVVATLALAAAAPPGKPSLGWGERTFAIVEVNQAATAYNQLVTKRDSADVSVTWNVWSGDPADKARVLLNDKEF
WSGTGGAAGSASFKVKKGGRYQMVVELCNADGCSQSDATEIIVADTDGSHLPPLDYNMGEKNKPFKQTSGKVVGAYFVEW
GVYPRKFPVDRVPIPNLTHLLYGFIPICGGDGINDSLKEIEGSFQALQRSCSGREDFKVSIHDPWAALQKPQKGLSSWNE
PYKGNFGQLMMLKQAKPDLKILPSIGGWTLADPFFFFTDETKRRRFVASVKDFLQTWKFFDGVDIDWEFPGGKGANPNLG
SPKDGEIYVLLMKELREMLNELSAETGRKYELTSAISAGWDKIQVVDYSAAQKYMDHIFFMSYDFKGAWSNDTLGHQASL
YAPDWNEKETYTTDFGVQFLLAQGVSPKKIVVGVAMYGRGWTGVHGYKDNNPFTGNATGPVKGTWQDGVVDYREIATEIA
QGKWEYHYDKVAQAPYVFRPATGDLITYDDARSTIEKGKYVRANKLGGLFAWEIDADNGDILNAMNMGLGNSA
;
_entity_poly.pdbx_strand_id   A
#
# COMPACT_ATOMS: atom_id res chain seq x y z
N ALA A 16 -25.84 2.56 -57.78
CA ALA A 16 -25.24 3.84 -58.14
C ALA A 16 -24.09 4.27 -57.20
N ALA A 17 -24.03 3.71 -55.99
CA ALA A 17 -23.06 4.16 -54.98
C ALA A 17 -21.59 3.86 -55.34
N ALA A 18 -20.71 4.84 -55.13
CA ALA A 18 -19.28 4.62 -55.33
C ALA A 18 -18.41 5.36 -54.30
N PRO A 19 -18.33 4.84 -53.07
CA PRO A 19 -17.55 5.44 -51.98
C PRO A 19 -16.05 5.46 -52.28
N PRO A 20 -15.25 6.14 -51.44
CA PRO A 20 -13.80 6.15 -51.72
C PRO A 20 -13.17 4.77 -51.54
N GLY A 21 -11.88 4.67 -51.87
CA GLY A 21 -11.17 3.41 -51.71
C GLY A 21 -10.98 3.09 -50.23
N LYS A 22 -10.87 1.80 -49.91
CA LYS A 22 -10.63 1.38 -48.53
C LYS A 22 -9.24 1.83 -48.07
N PRO A 23 -9.19 2.62 -46.98
CA PRO A 23 -7.90 3.12 -46.50
C PRO A 23 -7.07 2.00 -45.92
N SER A 24 -5.77 2.00 -46.17
CA SER A 24 -4.88 1.04 -45.54
C SER A 24 -3.96 1.75 -44.56
N LEU A 25 -4.03 1.37 -43.29
CA LEU A 25 -3.27 2.04 -42.24
C LEU A 25 -1.77 1.74 -42.35
N GLY A 26 -0.98 2.81 -42.35
CA GLY A 26 0.46 2.66 -42.40
C GLY A 26 0.98 2.11 -41.10
N TRP A 27 2.29 1.95 -41.00
CA TRP A 27 2.88 1.44 -39.76
C TRP A 27 3.40 2.56 -38.89
N GLY A 28 3.24 2.38 -37.59
CA GLY A 28 3.74 3.33 -36.62
C GLY A 28 3.53 2.82 -35.20
N GLU A 29 3.56 3.75 -34.25
CA GLU A 29 3.30 3.45 -32.85
C GLU A 29 1.88 2.95 -32.65
N ARG A 30 1.71 1.91 -31.82
CA ARG A 30 0.39 1.38 -31.48
C ARG A 30 0.14 1.44 -29.97
N THR A 31 1.15 1.83 -29.20
CA THR A 31 0.98 1.93 -27.75
C THR A 31 1.47 3.30 -27.25
N PHE A 32 0.70 3.90 -26.35
CA PHE A 32 0.93 5.25 -25.88
C PHE A 32 0.66 5.34 -24.39
N ALA A 33 1.06 6.45 -23.77
CA ALA A 33 0.93 6.55 -22.32
C ALA A 33 0.64 7.96 -21.85
N ILE A 34 -0.46 8.12 -21.13
CA ILE A 34 -0.80 9.40 -20.52
C ILE A 34 0.22 9.75 -19.45
N VAL A 35 0.73 8.72 -18.77
CA VAL A 35 1.82 8.90 -17.81
C VAL A 35 3.03 8.11 -18.30
N GLU A 36 4.06 8.82 -18.77
CA GLU A 36 5.25 8.17 -19.30
C GLU A 36 6.16 7.72 -18.18
N VAL A 37 6.61 6.47 -18.27
CA VAL A 37 7.54 5.93 -17.31
C VAL A 37 8.81 5.51 -18.01
N ASN A 38 9.93 6.07 -17.59
CA ASN A 38 11.23 5.69 -18.13
C ASN A 38 11.69 4.38 -17.53
N GLN A 39 11.63 3.31 -18.33
CA GLN A 39 11.99 1.99 -17.85
C GLN A 39 13.47 1.88 -17.46
N ALA A 40 14.24 2.92 -17.74
CA ALA A 40 15.66 2.95 -17.40
C ALA A 40 16.06 4.22 -16.67
N ALA A 41 15.42 4.49 -15.54
CA ALA A 41 15.74 5.68 -14.75
C ALA A 41 15.92 5.29 -13.31
N THR A 42 16.87 5.94 -12.64
CA THR A 42 17.12 5.66 -11.24
C THR A 42 16.48 6.75 -10.41
N ALA A 43 16.40 7.95 -10.98
CA ALA A 43 15.84 9.09 -10.27
C ALA A 43 14.34 9.18 -10.57
N TYR A 44 13.57 9.66 -9.60
CA TYR A 44 12.11 9.69 -9.74
C TYR A 44 11.68 10.77 -10.75
N ASN A 45 12.41 11.87 -10.76
CA ASN A 45 12.09 12.95 -11.66
C ASN A 45 12.32 12.55 -13.11
N GLN A 46 13.23 11.62 -13.35
CA GLN A 46 13.49 11.16 -14.70
C GLN A 46 12.63 9.93 -15.00
N LEU A 47 12.15 9.31 -13.93
CA LEU A 47 11.37 8.09 -14.03
C LEU A 47 9.93 8.33 -14.50
N VAL A 48 9.37 9.47 -14.13
CA VAL A 48 7.95 9.73 -14.39
C VAL A 48 7.63 11.11 -14.93
N THR A 49 6.85 11.13 -16.01
CA THR A 49 6.25 12.37 -16.46
C THR A 49 4.75 12.17 -16.64
N LYS A 50 3.97 12.92 -15.88
CA LYS A 50 2.53 12.87 -16.00
C LYS A 50 2.09 13.91 -17.02
N ARG A 51 1.46 13.42 -18.08
CA ARG A 51 0.82 14.28 -19.05
C ARG A 51 -0.68 14.20 -18.78
N ASP A 52 -1.48 15.15 -19.27
CA ASP A 52 -2.92 15.13 -19.04
C ASP A 52 -3.65 14.45 -20.19
N SER A 53 -2.90 14.13 -21.23
CA SER A 53 -3.44 13.35 -22.32
C SER A 53 -2.31 12.61 -23.00
N ALA A 54 -2.68 11.56 -23.72
CA ALA A 54 -1.76 10.87 -24.59
C ALA A 54 -1.89 11.48 -25.97
N ASP A 55 -1.04 11.02 -26.88
CA ASP A 55 -0.84 11.68 -28.15
C ASP A 55 -0.75 10.64 -29.23
N VAL A 56 -1.84 10.41 -29.95
CA VAL A 56 -1.87 9.33 -30.90
C VAL A 56 -1.67 9.81 -32.34
N SER A 57 -1.00 8.98 -33.12
CA SER A 57 -0.74 9.26 -34.52
C SER A 57 -1.13 8.06 -35.37
N VAL A 58 -1.77 8.32 -36.51
CA VAL A 58 -2.11 7.26 -37.43
C VAL A 58 -1.80 7.72 -38.85
N THR A 59 -1.26 6.79 -39.64
CA THR A 59 -0.97 7.03 -41.04
C THR A 59 -1.90 6.17 -41.87
N TRP A 60 -2.38 6.71 -42.99
CA TRP A 60 -3.17 5.87 -43.88
C TRP A 60 -2.89 6.21 -45.33
N ASN A 61 -3.31 5.32 -46.21
CA ASN A 61 -2.96 5.42 -47.59
C ASN A 61 -4.02 4.79 -48.48
N VAL A 62 -4.44 5.53 -49.49
CA VAL A 62 -5.27 4.97 -50.55
C VAL A 62 -4.62 5.32 -51.85
N TRP A 63 -4.14 4.32 -52.58
CA TRP A 63 -3.56 4.61 -53.87
C TRP A 63 -4.63 5.19 -54.78
N SER A 64 -4.28 6.28 -55.46
CA SER A 64 -5.22 6.99 -56.33
C SER A 64 -6.54 7.29 -55.62
N GLY A 65 -6.51 8.25 -54.70
CA GLY A 65 -7.71 8.68 -54.03
C GLY A 65 -7.85 10.18 -54.20
N ASP A 66 -8.98 10.70 -53.77
CA ASP A 66 -9.22 12.13 -53.80
C ASP A 66 -8.80 12.72 -52.46
N PRO A 67 -7.72 13.54 -52.45
CA PRO A 67 -7.20 14.11 -51.20
C PRO A 67 -8.22 15.02 -50.51
N ALA A 68 -9.22 15.46 -51.25
CA ALA A 68 -10.21 16.36 -50.70
C ALA A 68 -11.43 15.65 -50.15
N ASP A 69 -11.40 14.32 -50.10
CA ASP A 69 -12.48 13.56 -49.44
C ASP A 69 -12.47 13.88 -47.94
N LYS A 70 -13.49 13.45 -47.22
CA LYS A 70 -13.49 13.68 -45.79
C LYS A 70 -12.90 12.49 -45.03
N ALA A 71 -12.15 12.77 -43.97
CA ALA A 71 -11.54 11.69 -43.18
C ALA A 71 -11.79 11.82 -41.68
N ARG A 72 -12.02 10.69 -41.05
CA ARG A 72 -12.25 10.64 -39.60
C ARG A 72 -11.48 9.49 -38.99
N VAL A 73 -10.96 9.72 -37.79
CA VAL A 73 -10.37 8.64 -37.02
C VAL A 73 -11.31 8.25 -35.89
N LEU A 74 -11.66 6.97 -35.85
CA LEU A 74 -12.66 6.48 -34.91
C LEU A 74 -12.04 5.48 -33.93
N LEU A 75 -12.09 5.83 -32.64
CA LEU A 75 -11.66 4.94 -31.57
C LEU A 75 -12.87 4.28 -30.95
N ASN A 76 -13.01 2.98 -31.18
CA ASN A 76 -14.21 2.25 -30.77
C ASN A 76 -15.49 2.93 -31.26
N ASP A 77 -15.56 3.15 -32.57
CA ASP A 77 -16.75 3.72 -33.20
C ASP A 77 -17.12 5.13 -32.70
N LYS A 78 -16.19 5.81 -32.03
CA LYS A 78 -16.41 7.21 -31.65
C LYS A 78 -15.36 8.13 -32.30
N GLU A 79 -15.78 9.30 -32.74
CA GLU A 79 -14.87 10.22 -33.44
C GLU A 79 -13.83 10.87 -32.52
N PHE A 80 -12.58 10.91 -32.97
CA PHE A 80 -11.50 11.51 -32.21
C PHE A 80 -10.73 12.52 -33.04
N TRP A 81 -10.95 12.48 -34.34
CA TRP A 81 -10.30 13.42 -35.23
C TRP A 81 -11.14 13.56 -36.48
N SER A 82 -10.98 14.68 -37.18
CA SER A 82 -11.81 14.98 -38.34
C SER A 82 -11.09 15.93 -39.28
N GLY A 83 -10.98 15.54 -40.55
CA GLY A 83 -10.27 16.36 -41.53
C GLY A 83 -10.50 15.90 -42.95
N THR A 84 -9.46 15.98 -43.78
CA THR A 84 -9.61 15.61 -45.19
C THR A 84 -8.82 14.38 -45.61
N GLY A 85 -7.57 14.25 -45.18
CA GLY A 85 -6.77 13.10 -45.58
C GLY A 85 -6.91 12.62 -47.02
N GLY A 86 -7.93 11.81 -47.30
CA GLY A 86 -8.27 11.43 -48.66
C GLY A 86 -7.42 10.32 -49.28
N ALA A 87 -6.31 10.69 -49.91
CA ALA A 87 -5.31 9.74 -50.39
C ALA A 87 -4.00 10.02 -49.69
N ALA A 88 -3.43 9.02 -49.02
CA ALA A 88 -2.20 9.21 -48.25
C ALA A 88 -2.31 10.39 -47.28
N GLY A 89 -3.02 10.18 -46.17
CA GLY A 89 -3.25 11.23 -45.20
C GLY A 89 -2.61 10.92 -43.85
N SER A 90 -2.81 11.81 -42.90
CA SER A 90 -2.18 11.67 -41.60
C SER A 90 -2.90 12.49 -40.55
N ALA A 91 -2.99 11.94 -39.33
CA ALA A 91 -3.70 12.60 -38.24
C ALA A 91 -3.00 12.40 -36.91
N SER A 92 -3.11 13.40 -36.06
CA SER A 92 -2.60 13.32 -34.69
C SER A 92 -3.62 13.98 -33.78
N PHE A 93 -3.92 13.34 -32.67
CA PHE A 93 -4.99 13.79 -31.77
C PHE A 93 -4.68 13.40 -30.34
N LYS A 94 -5.44 13.95 -29.40
CA LYS A 94 -5.15 13.69 -27.99
C LYS A 94 -6.24 12.81 -27.35
N VAL A 95 -5.79 11.81 -26.59
CA VAL A 95 -6.68 10.89 -25.87
C VAL A 95 -6.47 11.07 -24.37
N LYS A 96 -7.56 11.26 -23.62
CA LYS A 96 -7.44 11.60 -22.20
C LYS A 96 -7.75 10.45 -21.25
N LYS A 97 -8.39 9.38 -21.75
CA LYS A 97 -8.73 8.23 -20.91
C LYS A 97 -8.15 6.93 -21.47
N GLY A 98 -7.38 6.22 -20.66
CA GLY A 98 -6.73 5.01 -21.12
C GLY A 98 -7.66 3.85 -21.41
N GLY A 99 -7.15 2.83 -22.12
CA GLY A 99 -7.91 1.65 -22.44
C GLY A 99 -7.33 0.97 -23.66
N ARG A 100 -7.95 -0.12 -24.10
CA ARG A 100 -7.63 -0.75 -25.38
C ARG A 100 -8.65 -0.28 -26.42
N TYR A 101 -8.19 0.40 -27.46
CA TYR A 101 -9.11 0.93 -28.46
C TYR A 101 -8.93 0.25 -29.78
N GLN A 102 -10.02 0.03 -30.49
CA GLN A 102 -9.95 -0.33 -31.89
C GLN A 102 -9.89 0.96 -32.72
N MET A 103 -8.83 1.11 -33.51
CA MET A 103 -8.66 2.32 -34.29
C MET A 103 -9.03 2.09 -35.75
N VAL A 104 -9.89 2.95 -36.27
CA VAL A 104 -10.31 2.88 -37.68
C VAL A 104 -10.25 4.26 -38.33
N VAL A 105 -9.76 4.31 -39.57
CA VAL A 105 -9.81 5.52 -40.37
C VAL A 105 -10.94 5.45 -41.39
N GLU A 106 -11.77 6.49 -41.39
CA GLU A 106 -12.94 6.51 -42.23
C GLU A 106 -12.82 7.55 -43.31
N LEU A 107 -13.12 7.17 -44.55
CA LEU A 107 -13.08 8.11 -45.66
C LEU A 107 -14.47 8.41 -46.17
N CYS A 108 -14.73 9.63 -46.58
CA CYS A 108 -16.07 10.02 -47.03
C CYS A 108 -16.08 10.77 -48.34
N ASN A 109 -17.00 10.42 -49.24
CA ASN A 109 -17.28 11.28 -50.40
C ASN A 109 -18.78 11.45 -50.55
N ALA A 110 -19.21 12.07 -51.65
CA ALA A 110 -20.63 12.37 -51.84
C ALA A 110 -21.51 11.12 -51.91
N ASP A 111 -20.94 9.97 -52.26
CA ASP A 111 -21.72 8.74 -52.34
C ASP A 111 -21.91 8.09 -50.97
N GLY A 112 -20.80 7.80 -50.31
CA GLY A 112 -20.83 7.07 -49.06
C GLY A 112 -19.46 7.08 -48.40
N CYS A 113 -19.24 6.11 -47.51
CA CYS A 113 -17.98 6.07 -46.79
C CYS A 113 -17.27 4.73 -46.88
N SER A 114 -15.99 4.76 -46.54
CA SER A 114 -15.14 3.58 -46.51
C SER A 114 -14.51 3.48 -45.14
N GLN A 115 -14.33 2.26 -44.63
CA GLN A 115 -13.64 2.08 -43.35
C GLN A 115 -12.43 1.18 -43.51
N SER A 116 -11.30 1.62 -42.97
CA SER A 116 -10.10 0.81 -42.91
C SER A 116 -10.38 -0.40 -42.03
N ASP A 117 -9.52 -1.41 -42.11
CA ASP A 117 -9.56 -2.49 -41.14
C ASP A 117 -9.18 -1.92 -39.77
N ALA A 118 -9.72 -2.48 -38.70
CA ALA A 118 -9.39 -1.97 -37.37
C ALA A 118 -8.00 -2.39 -36.94
N THR A 119 -7.29 -1.49 -36.27
CA THR A 119 -6.05 -1.86 -35.61
C THR A 119 -6.12 -1.44 -34.14
N GLU A 120 -5.71 -2.35 -33.26
CA GLU A 120 -5.85 -2.10 -31.84
C GLU A 120 -4.73 -1.22 -31.37
N ILE A 121 -5.05 -0.27 -30.48
CA ILE A 121 -4.00 0.51 -29.83
C ILE A 121 -4.16 0.50 -28.32
N ILE A 122 -3.03 0.60 -27.64
CA ILE A 122 -3.00 0.67 -26.18
C ILE A 122 -2.69 2.09 -25.73
N VAL A 123 -3.64 2.69 -25.05
CA VAL A 123 -3.42 3.98 -24.41
C VAL A 123 -3.30 3.73 -22.90
N ALA A 124 -2.07 3.68 -22.39
CA ALA A 124 -1.86 3.27 -21.02
C ALA A 124 -2.06 4.41 -20.04
N ASP A 125 -2.52 4.07 -18.84
CA ASP A 125 -2.72 5.05 -17.80
C ASP A 125 -2.70 4.32 -16.46
N THR A 126 -2.41 5.05 -15.40
CA THR A 126 -2.05 4.43 -14.13
C THR A 126 -3.24 3.96 -13.30
N ASP A 127 -4.45 4.05 -13.82
CA ASP A 127 -5.58 3.44 -13.12
C ASP A 127 -5.87 2.08 -13.74
N GLY A 128 -4.97 1.63 -14.62
CA GLY A 128 -4.99 0.25 -15.06
C GLY A 128 -5.87 -0.03 -16.26
N SER A 129 -6.40 1.04 -16.84
CA SER A 129 -7.37 0.98 -17.93
C SER A 129 -6.97 0.05 -19.07
N HIS A 130 -5.67 0.00 -19.35
CA HIS A 130 -5.13 -0.72 -20.49
C HIS A 130 -4.85 -2.17 -20.16
N LEU A 131 -5.16 -2.55 -18.92
CA LEU A 131 -4.70 -3.83 -18.40
C LEU A 131 -5.84 -4.78 -18.12
N PRO A 132 -5.56 -6.09 -18.28
CA PRO A 132 -6.52 -7.10 -17.81
C PRO A 132 -6.47 -7.21 -16.28
N PRO A 133 -7.57 -7.67 -15.66
CA PRO A 133 -7.64 -7.82 -14.21
C PRO A 133 -6.54 -8.74 -13.65
N LEU A 134 -5.85 -8.31 -12.61
CA LEU A 134 -4.95 -9.21 -11.91
C LEU A 134 -5.76 -10.33 -11.36
N ASP A 135 -5.47 -11.56 -11.77
CA ASP A 135 -6.23 -12.68 -11.21
C ASP A 135 -5.36 -13.54 -10.31
N TYR A 136 -6.04 -14.23 -9.42
CA TYR A 136 -5.41 -14.83 -8.28
C TYR A 136 -5.90 -16.25 -8.13
N ASN A 137 -5.23 -16.99 -7.27
CA ASN A 137 -5.80 -18.21 -6.77
C ASN A 137 -5.51 -18.18 -5.31
N MET A 138 -6.39 -18.73 -4.48
CA MET A 138 -6.11 -18.78 -3.06
C MET A 138 -4.87 -19.60 -2.92
N GLY A 139 -3.94 -19.13 -2.13
CA GLY A 139 -2.68 -19.80 -2.00
C GLY A 139 -2.49 -20.22 -0.58
N GLU A 140 -1.84 -21.34 -0.39
CA GLU A 140 -1.55 -21.82 0.94
C GLU A 140 -2.90 -21.91 1.62
N LYS A 141 -2.97 -21.60 2.90
CA LYS A 141 -4.13 -21.88 3.69
C LYS A 141 -5.27 -20.92 3.54
N ASN A 142 -5.14 -19.94 2.67
CA ASN A 142 -6.21 -18.96 2.48
C ASN A 142 -7.51 -19.60 2.01
N LYS A 143 -8.63 -19.13 2.55
CA LYS A 143 -9.96 -19.56 2.13
C LYS A 143 -10.73 -18.33 1.69
N PRO A 144 -11.53 -18.46 0.64
CA PRO A 144 -12.07 -17.22 0.11
C PRO A 144 -13.26 -16.72 0.91
N PHE A 145 -13.30 -15.42 1.13
CA PHE A 145 -14.38 -14.81 1.87
C PHE A 145 -15.08 -13.74 1.05
N LYS A 146 -16.25 -13.33 1.52
CA LYS A 146 -16.91 -12.17 0.96
C LYS A 146 -16.95 -11.07 2.01
N GLN A 147 -16.53 -9.87 1.63
CA GLN A 147 -16.57 -8.74 2.54
C GLN A 147 -17.99 -8.36 2.83
N THR A 148 -18.60 -9.07 3.78
CA THR A 148 -20.01 -8.93 4.04
C THR A 148 -20.26 -8.06 5.27
N SER A 149 -19.24 -7.90 6.10
CA SER A 149 -19.47 -7.42 7.45
C SER A 149 -19.52 -5.92 7.53
N GLY A 150 -19.08 -5.27 6.45
CA GLY A 150 -18.81 -3.84 6.44
C GLY A 150 -17.67 -3.42 7.35
N LYS A 151 -16.90 -4.39 7.86
CA LYS A 151 -15.73 -4.10 8.68
C LYS A 151 -14.50 -3.86 7.82
N VAL A 152 -13.57 -3.03 8.30
CA VAL A 152 -12.26 -2.92 7.66
C VAL A 152 -11.43 -4.18 7.86
N VAL A 153 -10.93 -4.74 6.77
CA VAL A 153 -9.98 -5.82 6.83
C VAL A 153 -8.78 -5.41 5.97
N GLY A 154 -7.73 -4.97 6.64
CA GLY A 154 -6.56 -4.44 5.96
C GLY A 154 -5.34 -5.31 6.11
N ALA A 155 -4.34 -5.08 5.26
CA ALA A 155 -3.05 -5.73 5.36
C ALA A 155 -2.02 -4.83 4.69
N TYR A 156 -0.79 -4.84 5.21
CA TYR A 156 0.30 -4.08 4.61
C TYR A 156 1.04 -4.92 3.58
N PHE A 157 1.39 -4.32 2.45
CA PHE A 157 2.27 -4.96 1.48
C PHE A 157 3.59 -4.20 1.39
N VAL A 158 4.70 -4.87 1.69
CA VAL A 158 5.99 -4.16 1.67
C VAL A 158 6.62 -4.20 0.27
N GLU A 159 7.29 -3.12 -0.07
CA GLU A 159 7.95 -2.97 -1.36
C GLU A 159 9.04 -4.00 -1.55
N TRP A 160 9.77 -4.31 -0.51
CA TRP A 160 10.94 -5.15 -0.62
C TRP A 160 10.55 -6.60 -0.67
N GLY A 161 9.27 -6.85 -0.61
CA GLY A 161 8.72 -8.18 -0.62
C GLY A 161 8.99 -8.97 -1.85
N VAL A 162 9.27 -8.29 -2.95
CA VAL A 162 9.54 -8.96 -4.19
C VAL A 162 10.95 -9.49 -4.33
N TYR A 163 11.80 -9.26 -3.35
CA TYR A 163 13.15 -9.74 -3.43
C TYR A 163 13.06 -10.94 -2.51
N PRO A 164 14.07 -11.13 -1.57
CA PRO A 164 14.23 -12.49 -1.00
C PRO A 164 12.96 -13.20 -0.52
N ARG A 165 12.00 -12.43 -0.07
CA ARG A 165 10.71 -12.89 0.39
C ARG A 165 9.83 -13.56 -0.67
N LYS A 166 10.03 -13.19 -1.91
CA LYS A 166 9.29 -13.76 -3.01
C LYS A 166 7.80 -13.62 -2.84
N PHE A 167 7.36 -12.39 -2.63
CA PHE A 167 5.94 -12.13 -2.45
C PHE A 167 5.54 -10.92 -3.29
N PRO A 168 5.32 -11.15 -4.59
CA PRO A 168 4.73 -10.12 -5.46
C PRO A 168 3.26 -9.93 -5.16
N VAL A 169 2.66 -8.90 -5.75
CA VAL A 169 1.27 -8.56 -5.49
C VAL A 169 0.29 -9.70 -5.80
N ASP A 170 0.58 -10.52 -6.80
CA ASP A 170 -0.36 -11.56 -7.20
C ASP A 170 -0.56 -12.66 -6.14
N ARG A 171 0.29 -12.69 -5.13
CA ARG A 171 0.16 -13.65 -4.02
C ARG A 171 -0.72 -13.07 -2.92
N VAL A 172 -1.17 -11.84 -3.11
CA VAL A 172 -2.07 -11.21 -2.14
C VAL A 172 -3.48 -11.74 -2.31
N PRO A 173 -4.04 -12.33 -1.24
CA PRO A 173 -5.37 -12.95 -1.29
C PRO A 173 -6.50 -11.92 -1.34
N ILE A 174 -6.61 -11.19 -2.44
CA ILE A 174 -7.49 -10.01 -2.51
C ILE A 174 -9.02 -10.17 -2.36
N PRO A 175 -9.55 -11.41 -2.40
CA PRO A 175 -10.95 -11.45 -1.96
C PRO A 175 -11.14 -11.16 -0.47
N ASN A 176 -10.05 -11.21 0.28
CA ASN A 176 -10.15 -11.23 1.73
C ASN A 176 -9.77 -9.92 2.42
N LEU A 177 -9.58 -8.87 1.62
CA LEU A 177 -9.22 -7.55 2.15
C LEU A 177 -10.21 -6.46 1.72
N THR A 178 -10.30 -5.41 2.52
CA THR A 178 -11.04 -4.21 2.12
C THR A 178 -10.03 -3.10 1.86
N HIS A 179 -8.89 -3.17 2.54
CA HIS A 179 -7.86 -2.16 2.39
C HIS A 179 -6.49 -2.78 2.15
N LEU A 180 -5.75 -2.25 1.19
CA LEU A 180 -4.36 -2.66 1.00
C LEU A 180 -3.42 -1.47 1.15
N LEU A 181 -2.61 -1.50 2.22
CA LEU A 181 -1.63 -0.45 2.49
C LEU A 181 -0.24 -0.77 1.92
N TYR A 182 0.26 0.11 1.07
CA TYR A 182 1.56 -0.05 0.42
C TYR A 182 2.70 0.60 1.20
N GLY A 183 3.59 -0.21 1.76
CA GLY A 183 4.70 0.31 2.55
C GLY A 183 6.09 0.09 1.95
N PHE A 184 6.87 1.15 1.84
CA PHE A 184 6.47 2.48 2.26
C PHE A 184 6.83 3.51 1.21
N ILE A 185 6.22 4.68 1.28
CA ILE A 185 6.55 5.79 0.40
C ILE A 185 7.39 6.78 1.20
N PRO A 186 8.61 7.07 0.72
CA PRO A 186 9.55 7.94 1.42
C PRO A 186 9.34 9.43 1.16
N ILE A 187 10.04 10.25 1.94
CA ILE A 187 10.05 11.68 1.76
C ILE A 187 11.50 12.13 1.52
N CYS A 188 11.74 12.87 0.44
CA CYS A 188 13.08 13.24 0.00
C CYS A 188 13.87 14.01 1.03
N GLY A 189 15.04 13.50 1.39
CA GLY A 189 15.88 14.22 2.33
C GLY A 189 17.25 13.60 2.49
N GLY A 190 18.26 14.46 2.66
CA GLY A 190 19.62 13.97 2.82
C GLY A 190 20.01 13.92 4.27
N ASP A 191 21.28 14.24 4.52
CA ASP A 191 21.82 14.35 5.88
C ASP A 191 20.92 15.20 6.78
N GLY A 192 20.65 14.70 7.99
CA GLY A 192 19.81 15.39 8.93
C GLY A 192 18.32 15.09 8.75
N ILE A 193 17.85 15.10 7.53
CA ILE A 193 16.47 14.76 7.26
C ILE A 193 16.06 13.32 7.43
N ASN A 194 16.89 12.43 6.93
CA ASN A 194 16.51 11.06 6.81
C ASN A 194 17.58 10.16 7.33
N ASP A 195 18.18 10.54 8.43
CA ASP A 195 19.30 9.81 8.99
C ASP A 195 18.92 8.41 9.38
N SER A 196 17.70 8.22 9.78
CA SER A 196 17.27 6.90 10.26
C SER A 196 17.52 5.80 9.23
N LEU A 197 17.59 6.18 7.95
CA LEU A 197 17.80 5.23 6.88
C LEU A 197 19.20 4.62 6.91
N LYS A 198 20.08 5.23 7.68
CA LYS A 198 21.50 4.87 7.65
C LYS A 198 21.80 3.62 8.47
N GLU A 199 20.92 3.29 9.40
CA GLU A 199 21.05 2.06 10.17
C GLU A 199 20.83 0.84 9.26
N ILE A 200 20.27 1.07 8.08
CA ILE A 200 20.06 0.00 7.13
C ILE A 200 20.94 0.23 5.93
N GLU A 201 21.82 -0.71 5.64
CA GLU A 201 22.84 -0.44 4.65
C GLU A 201 22.25 -0.32 3.24
N GLY A 202 22.76 0.66 2.50
CA GLY A 202 22.35 0.89 1.13
C GLY A 202 21.13 1.76 0.97
N SER A 203 20.28 1.81 2.00
CA SER A 203 18.96 2.44 1.87
C SER A 203 18.96 3.96 1.80
N PHE A 204 19.73 4.61 2.66
CA PHE A 204 19.83 6.06 2.58
C PHE A 204 20.39 6.48 1.22
N GLN A 205 21.43 5.76 0.80
CA GLN A 205 22.06 5.99 -0.50
C GLN A 205 21.05 5.71 -1.60
N ALA A 206 20.27 4.66 -1.44
CA ALA A 206 19.25 4.32 -2.42
C ALA A 206 18.23 5.45 -2.54
N LEU A 207 17.86 6.04 -1.42
CA LEU A 207 16.95 7.18 -1.44
C LEU A 207 17.51 8.39 -2.18
N GLN A 208 18.78 8.72 -1.92
CA GLN A 208 19.41 9.90 -2.51
C GLN A 208 19.47 9.80 -4.03
N ARG A 209 19.67 8.59 -4.54
CA ARG A 209 19.72 8.38 -5.98
C ARG A 209 18.34 8.60 -6.56
N SER A 210 17.33 8.16 -5.81
CA SER A 210 15.95 8.33 -6.22
C SER A 210 15.52 9.80 -6.23
N CYS A 211 15.89 10.53 -5.18
CA CYS A 211 15.45 11.91 -5.05
C CYS A 211 16.41 12.90 -5.72
N SER A 212 17.27 12.42 -6.61
CA SER A 212 18.29 13.27 -7.20
C SER A 212 17.67 14.36 -8.07
N GLY A 213 17.98 15.61 -7.76
CA GLY A 213 17.35 16.74 -8.42
C GLY A 213 15.95 17.03 -7.91
N ARG A 214 15.55 16.38 -6.83
CA ARG A 214 14.21 16.59 -6.26
C ARG A 214 14.27 17.44 -5.03
N GLU A 215 13.37 18.42 -4.96
CA GLU A 215 13.28 19.24 -3.77
C GLU A 215 13.01 18.34 -2.57
N ASP A 216 13.67 18.59 -1.46
CA ASP A 216 13.39 17.84 -0.25
C ASP A 216 11.95 18.03 0.19
N PHE A 217 11.46 17.08 0.97
CA PHE A 217 10.16 17.14 1.63
C PHE A 217 9.00 16.96 0.66
N LYS A 218 9.35 16.50 -0.54
CA LYS A 218 8.39 15.97 -1.47
C LYS A 218 8.48 14.46 -1.35
N VAL A 219 7.44 13.73 -1.77
CA VAL A 219 7.46 12.28 -1.74
C VAL A 219 8.10 11.66 -2.98
N SER A 220 8.67 10.48 -2.81
CA SER A 220 9.32 9.77 -3.90
C SER A 220 9.04 8.27 -3.83
N ILE A 221 9.82 7.49 -4.58
CA ILE A 221 9.75 6.04 -4.50
C ILE A 221 11.11 5.53 -4.06
N HIS A 222 11.14 4.78 -2.95
CA HIS A 222 12.39 4.31 -2.39
C HIS A 222 13.11 3.36 -3.35
N ASP A 223 12.35 2.53 -4.05
CA ASP A 223 12.92 1.57 -5.01
C ASP A 223 12.13 1.52 -6.32
N PRO A 224 12.51 2.37 -7.29
CA PRO A 224 11.86 2.40 -8.60
C PRO A 224 11.90 1.04 -9.30
N TRP A 225 13.00 0.31 -9.17
CA TRP A 225 13.07 -1.01 -9.76
C TRP A 225 11.88 -1.87 -9.30
N ALA A 226 11.80 -2.10 -8.00
CA ALA A 226 10.71 -2.89 -7.43
C ALA A 226 9.34 -2.34 -7.83
N ALA A 227 9.20 -1.02 -7.80
CA ALA A 227 7.90 -0.40 -7.95
C ALA A 227 7.37 -0.44 -9.37
N LEU A 228 8.25 -0.17 -10.34
CA LEU A 228 7.78 0.13 -11.70
C LEU A 228 8.53 -0.54 -12.85
N GLN A 229 9.65 -1.18 -12.56
CA GLN A 229 10.52 -1.67 -13.62
C GLN A 229 10.76 -3.17 -13.58
N LYS A 230 10.60 -3.78 -12.41
CA LYS A 230 10.80 -5.21 -12.28
C LYS A 230 9.68 -6.01 -12.98
N PRO A 231 10.06 -6.99 -13.82
CA PRO A 231 9.01 -7.83 -14.41
C PRO A 231 8.36 -8.75 -13.39
N GLN A 232 7.03 -8.73 -13.37
CA GLN A 232 6.24 -9.62 -12.53
C GLN A 232 5.21 -10.28 -13.43
N LYS A 233 4.42 -11.20 -12.87
CA LYS A 233 3.45 -11.94 -13.67
C LYS A 233 2.44 -11.04 -14.39
N GLY A 234 2.42 -11.15 -15.71
CA GLY A 234 1.50 -10.39 -16.53
C GLY A 234 2.16 -9.14 -17.08
N LEU A 235 3.30 -8.77 -16.53
CA LEU A 235 4.00 -7.60 -17.03
C LEU A 235 5.49 -7.80 -17.26
N SER A 236 5.87 -8.59 -18.25
CA SER A 236 7.25 -8.82 -18.54
C SER A 236 7.61 -8.33 -19.90
N SER A 237 6.61 -8.05 -20.69
CA SER A 237 6.83 -7.64 -22.04
C SER A 237 7.61 -6.34 -22.04
N TRP A 238 8.51 -6.18 -22.99
CA TRP A 238 9.47 -5.11 -22.92
C TRP A 238 8.97 -3.73 -23.00
N ASN A 239 7.77 -3.54 -23.53
CA ASN A 239 7.10 -2.28 -23.27
C ASN A 239 5.72 -2.40 -22.74
N GLU A 240 5.69 -2.78 -21.48
CA GLU A 240 4.57 -2.55 -20.67
C GLU A 240 5.00 -1.27 -20.04
N PRO A 241 4.23 -0.24 -20.23
CA PRO A 241 4.50 1.06 -19.62
C PRO A 241 4.82 0.93 -18.13
N TYR A 242 3.99 0.15 -17.42
CA TYR A 242 4.15 -0.02 -15.99
C TYR A 242 4.32 -1.48 -15.59
N LYS A 243 5.46 -1.79 -14.97
CA LYS A 243 5.71 -3.12 -14.43
C LYS A 243 5.92 -3.01 -12.92
N GLY A 244 6.57 -4.02 -12.33
CA GLY A 244 6.89 -3.94 -10.91
C GLY A 244 5.68 -4.01 -10.02
N ASN A 245 5.70 -3.29 -8.92
CA ASN A 245 4.61 -3.39 -7.95
C ASN A 245 3.40 -2.56 -8.38
N PHE A 246 3.67 -1.33 -8.83
CA PHE A 246 2.58 -0.43 -9.21
C PHE A 246 1.78 -1.01 -10.36
N GLY A 247 2.47 -1.71 -11.27
CA GLY A 247 1.82 -2.33 -12.41
C GLY A 247 0.78 -3.33 -11.96
N GLN A 248 1.16 -4.18 -11.00
CA GLN A 248 0.26 -5.21 -10.55
C GLN A 248 -0.89 -4.62 -9.74
N LEU A 249 -0.62 -3.52 -9.04
CA LEU A 249 -1.64 -2.88 -8.21
C LEU A 249 -2.70 -2.25 -9.09
N MET A 250 -2.32 -1.93 -10.31
CA MET A 250 -3.26 -1.42 -11.29
C MET A 250 -4.18 -2.52 -11.73
N MET A 251 -3.62 -3.70 -11.99
CA MET A 251 -4.39 -4.86 -12.39
C MET A 251 -5.30 -5.31 -11.25
N LEU A 252 -4.88 -4.94 -10.04
CA LEU A 252 -5.54 -5.33 -8.81
C LEU A 252 -6.87 -4.61 -8.63
N LYS A 253 -6.86 -3.30 -8.88
CA LYS A 253 -8.07 -2.52 -8.80
C LYS A 253 -9.03 -2.90 -9.92
N GLN A 254 -8.49 -3.61 -10.91
CA GLN A 254 -9.30 -4.04 -12.04
C GLN A 254 -10.05 -5.35 -11.78
N ALA A 255 -9.52 -6.21 -10.90
CA ALA A 255 -10.22 -7.40 -10.43
C ALA A 255 -11.21 -7.06 -9.31
N LYS A 256 -10.76 -6.23 -8.37
CA LYS A 256 -11.64 -5.71 -7.33
C LYS A 256 -11.60 -4.18 -7.35
N PRO A 257 -12.56 -3.56 -8.06
CA PRO A 257 -12.56 -2.09 -8.12
C PRO A 257 -12.87 -1.43 -6.78
N ASP A 258 -13.42 -2.20 -5.85
CA ASP A 258 -13.82 -1.69 -4.55
C ASP A 258 -12.74 -1.85 -3.46
N LEU A 259 -11.70 -2.61 -3.76
CA LEU A 259 -10.59 -2.78 -2.84
C LEU A 259 -9.77 -1.51 -2.74
N LYS A 260 -9.61 -0.98 -1.53
CA LYS A 260 -8.96 0.30 -1.34
C LYS A 260 -7.45 0.15 -1.23
N ILE A 261 -6.73 0.77 -2.16
CA ILE A 261 -5.27 0.70 -2.16
C ILE A 261 -4.64 2.03 -1.74
N LEU A 262 -4.02 2.05 -0.57
CA LEU A 262 -3.46 3.29 -0.03
C LEU A 262 -1.93 3.27 0.00
N PRO A 263 -1.32 4.40 -0.38
CA PRO A 263 0.12 4.58 -0.27
C PRO A 263 0.45 4.95 1.15
N SER A 264 1.30 4.20 1.81
CA SER A 264 1.64 4.51 3.18
C SER A 264 2.96 5.27 3.21
N ILE A 265 2.94 6.47 3.79
CA ILE A 265 4.10 7.35 3.83
C ILE A 265 4.73 7.29 5.21
N GLY A 266 5.98 6.85 5.26
CA GLY A 266 6.74 6.86 6.49
C GLY A 266 7.08 5.47 6.98
N GLY A 267 6.58 5.11 8.14
CA GLY A 267 7.02 3.92 8.87
C GLY A 267 8.23 4.25 9.73
N TRP A 268 8.78 3.23 10.38
CA TRP A 268 9.85 3.40 11.36
C TRP A 268 11.06 4.18 10.85
N THR A 269 11.60 3.77 9.70
CA THR A 269 12.86 4.34 9.23
C THR A 269 12.69 5.45 8.19
N LEU A 270 11.46 5.86 7.92
CA LEU A 270 11.23 6.93 6.95
C LEU A 270 10.44 8.07 7.56
N ALA A 271 10.18 8.02 8.85
CA ALA A 271 9.31 8.99 9.48
C ALA A 271 10.00 10.32 9.77
N ASP A 272 11.33 10.33 9.69
CA ASP A 272 12.11 11.48 10.15
C ASP A 272 11.72 12.85 9.55
N PRO A 273 11.46 12.92 8.23
CA PRO A 273 11.05 14.24 7.69
C PRO A 273 9.78 14.85 8.32
N PHE A 274 8.90 14.05 8.91
CA PHE A 274 7.67 14.60 9.50
C PHE A 274 7.96 15.63 10.61
N PHE A 275 9.09 15.49 11.30
CA PHE A 275 9.42 16.35 12.43
C PHE A 275 9.83 17.75 11.99
N PHE A 276 10.00 17.96 10.69
CA PHE A 276 10.33 19.27 10.17
C PHE A 276 9.09 20.04 9.68
N PHE A 277 7.92 19.43 9.81
CA PHE A 277 6.68 20.03 9.34
C PHE A 277 6.14 21.07 10.33
N THR A 278 6.95 21.41 11.32
CA THR A 278 6.68 22.58 12.14
C THR A 278 6.79 23.76 11.20
N ASP A 279 7.66 23.61 10.20
CA ASP A 279 7.78 24.56 9.10
C ASP A 279 6.71 24.35 8.07
N GLU A 280 5.78 25.27 8.15
CA GLU A 280 4.59 25.31 7.37
C GLU A 280 4.87 25.36 5.85
N THR A 281 5.97 25.98 5.47
CA THR A 281 6.43 25.97 4.07
C THR A 281 6.75 24.55 3.58
N LYS A 282 7.43 23.77 4.41
CA LYS A 282 7.83 22.42 4.04
C LYS A 282 6.63 21.49 3.99
N ARG A 283 5.69 21.69 4.90
CA ARG A 283 4.49 20.90 4.97
C ARG A 283 3.66 21.08 3.72
N ARG A 284 3.55 22.33 3.24
CA ARG A 284 2.75 22.62 2.08
C ARG A 284 3.30 22.02 0.81
N ARG A 285 4.62 21.98 0.73
CA ARG A 285 5.28 21.34 -0.40
C ARG A 285 5.00 19.86 -0.37
N PHE A 286 4.99 19.30 0.83
CA PHE A 286 4.71 17.89 0.97
C PHE A 286 3.32 17.61 0.45
N VAL A 287 2.34 18.34 0.95
CA VAL A 287 0.94 18.04 0.64
C VAL A 287 0.66 18.17 -0.84
N ALA A 288 1.32 19.17 -1.45
CA ALA A 288 1.23 19.37 -2.89
C ALA A 288 1.84 18.19 -3.62
N SER A 289 2.92 17.64 -3.09
CA SER A 289 3.58 16.52 -3.75
C SER A 289 2.73 15.26 -3.63
N VAL A 290 1.90 15.17 -2.59
CA VAL A 290 1.06 14.02 -2.43
C VAL A 290 -0.06 14.12 -3.43
N LYS A 291 -0.53 15.35 -3.63
CA LYS A 291 -1.56 15.59 -4.63
C LYS A 291 -1.07 15.21 -6.01
N ASP A 292 0.19 15.55 -6.28
CA ASP A 292 0.76 15.26 -7.57
C ASP A 292 0.96 13.77 -7.71
N PHE A 293 1.33 13.15 -6.61
CA PHE A 293 1.57 11.72 -6.58
C PHE A 293 0.30 10.93 -6.97
N LEU A 294 -0.86 11.37 -6.45
CA LEU A 294 -2.12 10.68 -6.67
C LEU A 294 -2.65 10.89 -8.09
N GLN A 295 -2.51 12.10 -8.62
CA GLN A 295 -2.85 12.36 -10.01
C GLN A 295 -1.97 11.56 -10.97
N THR A 296 -0.78 11.22 -10.52
CA THR A 296 0.17 10.47 -11.31
C THR A 296 -0.07 8.97 -11.20
N TRP A 297 -0.40 8.50 -10.00
CA TRP A 297 -0.66 7.08 -9.75
C TRP A 297 -2.11 6.88 -9.35
N LYS A 298 -2.97 6.72 -10.35
CA LYS A 298 -4.39 6.87 -10.12
C LYS A 298 -5.00 5.63 -9.50
N PHE A 299 -4.22 4.58 -9.29
CA PHE A 299 -4.77 3.37 -8.69
C PHE A 299 -4.90 3.51 -7.17
N PHE A 300 -4.10 4.40 -6.59
CA PHE A 300 -4.22 4.78 -5.19
C PHE A 300 -5.57 5.46 -4.87
N ASP A 301 -6.06 5.28 -3.64
CA ASP A 301 -7.36 5.83 -3.22
C ASP A 301 -7.29 6.84 -2.11
N GLY A 302 -6.13 7.47 -1.94
CA GLY A 302 -5.97 8.42 -0.87
C GLY A 302 -4.60 8.32 -0.25
N VAL A 303 -4.52 8.56 1.06
CA VAL A 303 -3.25 8.61 1.73
C VAL A 303 -3.31 7.92 3.08
N ASP A 304 -2.27 7.17 3.39
CA ASP A 304 -2.03 6.71 4.74
C ASP A 304 -0.81 7.44 5.27
N ILE A 305 -0.91 8.00 6.47
CA ILE A 305 0.19 8.67 7.12
C ILE A 305 0.74 7.77 8.21
N ASP A 306 2.03 7.49 8.20
CA ASP A 306 2.62 6.69 9.25
C ASP A 306 3.77 7.42 9.83
N TRP A 307 3.47 8.37 10.67
CA TRP A 307 4.48 9.10 11.34
C TRP A 307 4.69 8.41 12.66
N GLU A 308 5.89 7.90 12.83
CA GLU A 308 6.31 7.25 14.06
C GLU A 308 7.48 7.99 14.71
N PHE A 309 7.23 8.71 15.80
CA PHE A 309 5.89 9.03 16.28
C PHE A 309 5.84 10.52 16.56
N PRO A 310 4.65 11.10 16.50
CA PRO A 310 4.56 12.51 16.90
C PRO A 310 5.02 12.70 18.35
N GLY A 311 6.03 13.54 18.57
CA GLY A 311 6.61 13.73 19.89
C GLY A 311 7.92 12.98 20.08
N GLY A 312 8.30 12.18 19.10
CA GLY A 312 9.54 11.43 19.17
C GLY A 312 9.36 9.99 19.61
N LYS A 313 10.45 9.42 20.11
CA LYS A 313 10.53 8.04 20.60
C LYS A 313 10.42 7.04 19.46
N GLY A 314 10.76 7.49 18.25
CA GLY A 314 10.83 6.60 17.09
C GLY A 314 12.28 6.20 16.83
N ALA A 315 12.67 6.08 15.57
CA ALA A 315 14.02 5.65 15.24
C ALA A 315 15.07 6.67 15.70
N ASN A 316 14.82 7.94 15.45
CA ASN A 316 15.77 9.01 15.77
C ASN A 316 15.59 9.48 17.21
N PRO A 317 16.63 9.30 18.04
CA PRO A 317 16.53 9.72 19.45
C PRO A 317 16.70 11.23 19.62
N ASN A 318 17.00 11.92 18.52
CA ASN A 318 17.25 13.36 18.57
C ASN A 318 16.07 14.16 18.05
N LEU A 319 15.04 13.47 17.57
CA LEU A 319 13.88 14.14 16.99
C LEU A 319 12.62 13.92 17.82
N GLY A 320 11.73 14.92 17.81
CA GLY A 320 10.49 14.83 18.55
C GLY A 320 10.26 16.05 19.43
N SER A 321 9.00 16.50 19.49
CA SER A 321 8.61 17.64 20.31
C SER A 321 7.14 17.56 20.69
N PRO A 322 6.77 18.09 21.87
CA PRO A 322 5.36 18.15 22.25
C PRO A 322 4.52 18.87 21.20
N LYS A 323 5.19 19.74 20.45
CA LYS A 323 4.56 20.57 19.44
C LYS A 323 4.13 19.76 18.22
N ASP A 324 4.40 18.45 18.25
CA ASP A 324 4.05 17.58 17.14
C ASP A 324 2.57 17.24 17.10
N GLY A 325 1.95 17.17 18.28
CA GLY A 325 0.54 16.84 18.37
C GLY A 325 -0.32 17.81 17.58
N GLU A 326 0.07 19.06 17.61
CA GLU A 326 -0.65 20.12 16.94
C GLU A 326 -0.35 20.10 15.44
N ILE A 327 0.86 19.66 15.09
CA ILE A 327 1.26 19.55 13.69
C ILE A 327 0.55 18.36 13.03
N TYR A 328 0.43 17.26 13.78
CA TYR A 328 -0.23 16.06 13.31
C TYR A 328 -1.63 16.42 12.83
N VAL A 329 -2.30 17.28 13.58
CA VAL A 329 -3.68 17.67 13.27
C VAL A 329 -3.75 18.63 12.08
N LEU A 330 -2.78 19.53 11.96
CA LEU A 330 -2.77 20.44 10.84
C LEU A 330 -2.39 19.72 9.56
N LEU A 331 -1.57 18.68 9.68
CA LEU A 331 -1.25 17.88 8.51
C LEU A 331 -2.51 17.17 8.02
N MET A 332 -3.28 16.63 8.97
CA MET A 332 -4.54 15.98 8.64
C MET A 332 -5.57 16.94 8.03
N LYS A 333 -5.59 18.17 8.53
CA LYS A 333 -6.49 19.18 7.99
C LYS A 333 -6.12 19.50 6.54
N GLU A 334 -4.84 19.79 6.31
CA GLU A 334 -4.35 20.19 4.99
C GLU A 334 -4.39 19.05 3.97
N LEU A 335 -4.20 17.81 4.44
CA LEU A 335 -4.25 16.66 3.55
C LEU A 335 -5.69 16.44 3.05
N ARG A 336 -6.63 16.49 3.98
CA ARG A 336 -8.04 16.33 3.65
C ARG A 336 -8.48 17.37 2.64
N GLU A 337 -8.08 18.62 2.89
CA GLU A 337 -8.40 19.74 2.01
C GLU A 337 -7.85 19.53 0.61
N MET A 338 -6.67 18.95 0.53
CA MET A 338 -6.08 18.58 -0.74
C MET A 338 -6.93 17.50 -1.45
N LEU A 339 -7.29 16.45 -0.73
CA LEU A 339 -8.15 15.42 -1.29
C LEU A 339 -9.54 15.98 -1.70
N ASN A 340 -10.02 17.00 -1.00
CA ASN A 340 -11.32 17.60 -1.32
C ASN A 340 -11.29 18.27 -2.68
N GLU A 341 -10.19 18.92 -3.01
CA GLU A 341 -10.09 19.55 -4.31
C GLU A 341 -9.59 18.55 -5.35
N LEU A 342 -9.02 17.46 -4.89
CA LEU A 342 -8.66 16.37 -5.78
C LEU A 342 -9.93 15.65 -6.23
N SER A 343 -10.90 15.57 -5.32
CA SER A 343 -12.18 14.98 -5.65
C SER A 343 -12.95 15.85 -6.62
N ALA A 344 -12.89 17.16 -6.39
CA ALA A 344 -13.54 18.11 -7.28
C ALA A 344 -13.18 17.84 -8.74
N GLU A 345 -11.90 17.68 -9.01
CA GLU A 345 -11.46 17.54 -10.41
C GLU A 345 -11.59 16.13 -10.96
N THR A 346 -11.61 15.11 -10.09
CA THR A 346 -11.61 13.75 -10.58
C THR A 346 -12.92 13.01 -10.31
N GLY A 347 -13.81 13.63 -9.54
CA GLY A 347 -15.06 13.00 -9.15
C GLY A 347 -14.98 11.76 -8.26
N ARG A 348 -13.77 11.39 -7.83
CA ARG A 348 -13.57 10.20 -6.99
C ARG A 348 -13.65 10.50 -5.50
N LYS A 349 -13.84 9.46 -4.71
CA LYS A 349 -13.74 9.55 -3.26
C LYS A 349 -12.34 9.13 -2.80
N TYR A 350 -11.78 9.85 -1.82
CA TYR A 350 -10.46 9.49 -1.32
C TYR A 350 -10.50 9.25 0.18
N GLU A 351 -9.64 8.35 0.65
CA GLU A 351 -9.53 8.08 2.08
C GLU A 351 -8.27 8.65 2.68
N LEU A 352 -8.43 9.28 3.83
CA LEU A 352 -7.29 9.71 4.62
C LEU A 352 -7.24 8.86 5.88
N THR A 353 -6.14 8.14 6.05
CA THR A 353 -5.97 7.28 7.21
C THR A 353 -4.60 7.52 7.82
N SER A 354 -4.32 6.86 8.93
CA SER A 354 -3.00 6.92 9.55
C SER A 354 -2.75 5.79 10.53
N ALA A 355 -1.51 5.32 10.58
CA ALA A 355 -1.11 4.30 11.52
C ALA A 355 -0.51 4.98 12.74
N ILE A 356 -1.08 4.75 13.91
CA ILE A 356 -0.62 5.42 15.12
C ILE A 356 -0.17 4.41 16.19
N SER A 357 0.66 4.85 17.13
CA SER A 357 1.11 3.98 18.22
C SER A 357 -0.03 3.52 19.13
N ALA A 358 0.14 2.38 19.79
CA ALA A 358 -0.87 1.88 20.73
C ALA A 358 -0.42 2.05 22.17
N GLY A 359 0.69 2.76 22.33
CA GLY A 359 1.20 3.07 23.64
C GLY A 359 0.54 4.34 24.10
N TRP A 360 -0.01 4.34 25.30
CA TRP A 360 -0.74 5.49 25.81
C TRP A 360 0.13 6.74 25.88
N ASP A 361 1.41 6.55 26.17
CA ASP A 361 2.31 7.70 26.34
C ASP A 361 2.66 8.38 25.01
N LYS A 362 2.36 7.73 23.89
CA LYS A 362 2.54 8.37 22.58
C LYS A 362 1.21 8.92 22.08
N ILE A 363 0.14 8.20 22.41
CA ILE A 363 -1.23 8.62 22.12
C ILE A 363 -1.54 9.98 22.74
N GLN A 364 -1.07 10.13 23.98
CA GLN A 364 -1.22 11.35 24.78
C GLN A 364 -0.69 12.61 24.10
N VAL A 365 0.18 12.43 23.12
CA VAL A 365 0.79 13.56 22.45
C VAL A 365 -0.21 14.26 21.55
N VAL A 366 -1.03 13.47 20.86
CA VAL A 366 -1.95 14.01 19.86
C VAL A 366 -3.39 14.05 20.38
N ASP A 367 -4.15 15.05 19.93
CA ASP A 367 -5.59 15.11 20.18
C ASP A 367 -6.35 14.46 19.02
N TYR A 368 -6.51 13.15 19.07
CA TYR A 368 -7.14 12.43 17.98
C TYR A 368 -8.63 12.77 17.84
N SER A 369 -9.22 13.41 18.85
CA SER A 369 -10.60 13.87 18.67
C SER A 369 -10.59 15.06 17.72
N ALA A 370 -9.52 15.84 17.77
CA ALA A 370 -9.34 16.99 16.88
C ALA A 370 -9.02 16.60 15.43
N ALA A 371 -8.28 15.52 15.25
CA ALA A 371 -7.86 15.11 13.94
C ALA A 371 -8.87 14.19 13.24
N GLN A 372 -9.64 13.42 14.02
CA GLN A 372 -10.51 12.38 13.44
C GLN A 372 -11.57 12.88 12.48
N LYS A 373 -11.95 14.16 12.55
CA LYS A 373 -12.98 14.67 11.65
C LYS A 373 -12.45 14.78 10.23
N TYR A 374 -11.13 14.66 10.07
CA TYR A 374 -10.50 14.65 8.75
C TYR A 374 -10.22 13.24 8.24
N MET A 375 -10.37 12.25 9.12
CA MET A 375 -9.89 10.92 8.82
C MET A 375 -10.97 9.87 8.65
N ASP A 376 -10.69 8.91 7.77
CA ASP A 376 -11.58 7.79 7.58
C ASP A 376 -11.32 6.72 8.64
N HIS A 377 -10.05 6.34 8.79
CA HIS A 377 -9.67 5.26 9.70
C HIS A 377 -8.38 5.53 10.46
N ILE A 378 -8.25 4.84 11.59
CA ILE A 378 -7.01 4.84 12.36
C ILE A 378 -6.50 3.42 12.54
N PHE A 379 -5.37 3.11 11.92
CA PHE A 379 -4.80 1.78 12.10
C PHE A 379 -3.98 1.78 13.40
N PHE A 380 -4.56 1.15 14.41
CA PHE A 380 -4.03 1.11 15.77
C PHE A 380 -2.97 0.04 15.89
N MET A 381 -1.70 0.45 15.92
CA MET A 381 -0.59 -0.50 15.92
C MET A 381 -0.49 -1.27 17.23
N SER A 382 -1.46 -2.15 17.46
CA SER A 382 -1.52 -2.92 18.68
C SER A 382 -0.66 -4.18 18.54
N TYR A 383 0.63 -3.97 18.27
CA TYR A 383 1.67 -4.98 18.30
C TYR A 383 3.00 -4.30 18.68
N ASP A 384 4.08 -5.08 18.64
CA ASP A 384 5.40 -4.59 19.07
C ASP A 384 5.37 -4.00 20.48
N PHE A 385 4.54 -4.55 21.35
CA PHE A 385 4.49 -4.15 22.75
C PHE A 385 5.72 -4.63 23.53
N LYS A 386 6.34 -5.70 23.04
CA LYS A 386 7.52 -6.31 23.65
C LYS A 386 8.40 -6.85 22.51
N GLY A 387 9.69 -6.97 22.77
CA GLY A 387 10.59 -7.46 21.74
C GLY A 387 12.01 -7.65 22.24
N ALA A 388 12.90 -8.07 21.34
CA ALA A 388 14.27 -8.45 21.69
C ALA A 388 15.12 -7.23 21.99
N TRP A 389 14.54 -6.06 21.87
CA TRP A 389 15.24 -4.83 22.21
C TRP A 389 15.43 -4.71 23.72
N SER A 390 14.97 -5.72 24.45
CA SER A 390 15.13 -5.76 25.88
C SER A 390 15.42 -7.19 26.32
N ASN A 391 16.35 -7.37 27.27
CA ASN A 391 16.67 -8.71 27.77
C ASN A 391 15.86 -9.04 29.01
N ASP A 392 15.35 -8.02 29.69
CA ASP A 392 14.64 -8.23 30.95
C ASP A 392 13.23 -7.64 31.01
N THR A 393 12.68 -7.28 29.86
CA THR A 393 11.27 -7.00 29.81
C THR A 393 10.68 -7.95 28.77
N LEU A 394 10.41 -9.16 29.21
CA LEU A 394 9.70 -10.13 28.38
C LEU A 394 8.21 -9.96 28.60
N GLY A 395 7.42 -10.21 27.56
CA GLY A 395 5.98 -10.14 27.66
C GLY A 395 5.28 -10.43 26.34
N HIS A 396 3.99 -10.11 26.31
CA HIS A 396 3.21 -10.29 25.10
C HIS A 396 3.34 -9.11 24.15
N GLN A 397 3.62 -9.43 22.90
CA GLN A 397 3.90 -8.44 21.88
C GLN A 397 2.63 -7.72 21.39
N ALA A 398 1.50 -8.43 21.41
CA ALA A 398 0.25 -7.94 20.81
C ALA A 398 -0.99 -8.46 21.53
N SER A 399 -0.90 -8.66 22.83
CA SER A 399 -2.00 -9.28 23.57
C SER A 399 -3.18 -8.32 23.68
N LEU A 400 -4.36 -8.89 23.92
CA LEU A 400 -5.57 -8.11 24.04
C LEU A 400 -5.56 -7.45 25.40
N TYR A 401 -5.34 -8.26 26.43
CA TYR A 401 -5.32 -7.75 27.80
C TYR A 401 -3.97 -7.99 28.49
N ALA A 402 -3.88 -7.55 29.74
CA ALA A 402 -2.66 -7.75 30.51
C ALA A 402 -2.65 -9.20 30.94
N PRO A 403 -1.44 -9.77 31.11
CA PRO A 403 -1.32 -11.16 31.57
C PRO A 403 -1.64 -11.26 33.06
N ASP A 404 -1.96 -12.46 33.54
CA ASP A 404 -2.32 -12.62 34.95
C ASP A 404 -1.17 -12.27 35.90
N TRP A 405 0.06 -12.57 35.47
CA TRP A 405 1.24 -12.31 36.29
C TRP A 405 1.71 -10.85 36.24
N ASN A 406 0.90 -9.98 35.64
CA ASN A 406 1.24 -8.56 35.52
C ASN A 406 0.03 -7.71 35.11
N GLU A 407 -0.92 -7.56 36.03
CA GLU A 407 -2.21 -6.94 35.73
C GLU A 407 -2.17 -5.45 35.42
N LYS A 408 -1.09 -4.77 35.81
CA LYS A 408 -1.06 -3.33 35.61
C LYS A 408 -0.23 -2.98 34.38
N GLU A 409 -0.18 -3.96 33.46
CA GLU A 409 0.44 -3.79 32.16
C GLU A 409 -0.37 -2.82 31.31
N THR A 410 0.26 -1.73 30.87
CA THR A 410 -0.42 -0.70 30.09
C THR A 410 -0.30 -0.93 28.59
N TYR A 411 0.67 -1.75 28.19
CA TYR A 411 0.89 -1.97 26.78
C TYR A 411 0.12 -3.19 26.28
N THR A 412 -1.20 -3.06 26.17
CA THR A 412 -2.05 -4.10 25.62
C THR A 412 -3.07 -3.47 24.68
N THR A 413 -3.70 -4.29 23.83
CA THR A 413 -4.68 -3.76 22.89
C THR A 413 -5.78 -3.01 23.63
N ASP A 414 -6.40 -3.69 24.59
CA ASP A 414 -7.48 -3.13 25.37
C ASP A 414 -7.13 -1.78 26.00
N PHE A 415 -6.00 -1.72 26.68
CA PHE A 415 -5.62 -0.50 27.36
C PHE A 415 -5.51 0.67 26.38
N GLY A 416 -4.84 0.44 25.25
CA GLY A 416 -4.64 1.48 24.27
C GLY A 416 -5.94 1.98 23.66
N VAL A 417 -6.79 1.04 23.25
CA VAL A 417 -8.09 1.39 22.70
C VAL A 417 -8.92 2.22 23.69
N GLN A 418 -9.02 1.74 24.93
CA GLN A 418 -9.79 2.48 25.94
C GLN A 418 -9.21 3.87 26.17
N PHE A 419 -7.89 3.95 26.17
CA PHE A 419 -7.19 5.20 26.37
C PHE A 419 -7.49 6.15 25.21
N LEU A 420 -7.52 5.59 24.00
CA LEU A 420 -7.77 6.37 22.79
C LEU A 420 -9.21 6.85 22.71
N LEU A 421 -10.15 5.97 23.02
CA LEU A 421 -11.57 6.35 23.10
C LEU A 421 -11.78 7.44 24.15
N ALA A 422 -11.08 7.32 25.27
CA ALA A 422 -11.20 8.30 26.35
C ALA A 422 -10.85 9.72 25.92
N GLN A 423 -10.13 9.88 24.80
CA GLN A 423 -9.88 11.21 24.27
C GLN A 423 -11.15 11.72 23.56
N GLY A 424 -12.08 10.81 23.28
CA GLY A 424 -13.30 11.18 22.61
C GLY A 424 -13.32 10.83 21.13
N VAL A 425 -12.61 9.74 20.80
CA VAL A 425 -12.58 9.23 19.44
C VAL A 425 -13.80 8.34 19.21
N SER A 426 -14.41 8.42 18.04
CA SER A 426 -15.57 7.59 17.77
C SER A 426 -15.08 6.18 17.45
N PRO A 427 -15.61 5.17 18.17
CA PRO A 427 -15.15 3.77 18.09
C PRO A 427 -15.10 3.20 16.67
N LYS A 428 -15.93 3.72 15.76
CA LYS A 428 -15.99 3.20 14.39
C LYS A 428 -14.70 3.42 13.59
N LYS A 429 -13.95 4.45 13.94
CA LYS A 429 -12.77 4.76 13.16
C LYS A 429 -11.53 3.97 13.57
N ILE A 430 -11.58 3.29 14.72
CA ILE A 430 -10.44 2.54 15.25
C ILE A 430 -10.35 1.14 14.66
N VAL A 431 -9.27 0.87 13.94
CA VAL A 431 -9.03 -0.43 13.31
C VAL A 431 -7.90 -1.12 14.05
N VAL A 432 -8.17 -2.29 14.62
CA VAL A 432 -7.23 -2.94 15.53
C VAL A 432 -6.18 -3.71 14.76
N GLY A 433 -4.93 -3.62 15.21
CA GLY A 433 -3.82 -4.31 14.58
C GLY A 433 -3.56 -5.74 15.03
N VAL A 434 -3.17 -6.57 14.06
CA VAL A 434 -2.87 -7.98 14.28
C VAL A 434 -1.47 -8.29 13.74
N ALA A 435 -0.72 -9.13 14.46
CA ALA A 435 0.65 -9.43 14.09
C ALA A 435 0.76 -10.75 13.34
N MET A 436 1.28 -10.68 12.12
CA MET A 436 1.54 -11.87 11.33
C MET A 436 2.98 -12.31 11.46
N TYR A 437 3.59 -11.92 12.58
CA TYR A 437 4.97 -12.25 12.86
C TYR A 437 5.21 -12.43 14.36
N GLY A 438 6.29 -13.11 14.70
CA GLY A 438 6.68 -13.24 16.09
C GLY A 438 7.84 -12.34 16.45
N ARG A 439 7.86 -11.90 17.70
CA ARG A 439 9.04 -11.30 18.32
C ARG A 439 9.51 -12.27 19.37
N GLY A 440 10.82 -12.45 19.47
CA GLY A 440 11.31 -13.49 20.36
C GLY A 440 12.69 -13.34 20.95
N TRP A 441 12.99 -14.26 21.86
CA TRP A 441 14.24 -14.24 22.60
C TRP A 441 14.91 -15.61 22.60
N THR A 442 16.20 -15.63 22.95
CA THR A 442 16.88 -16.89 23.23
C THR A 442 17.56 -16.83 24.59
N GLY A 443 17.97 -18.00 25.07
CA GLY A 443 18.65 -18.09 26.34
C GLY A 443 17.84 -17.56 27.52
N VAL A 444 16.52 -17.69 27.44
CA VAL A 444 15.66 -17.25 28.54
C VAL A 444 15.82 -18.16 29.76
N HIS A 445 16.39 -17.62 30.82
CA HIS A 445 16.75 -18.40 32.00
C HIS A 445 16.18 -17.79 33.27
N GLY A 446 16.30 -18.53 34.37
CA GLY A 446 15.95 -18.05 35.70
C GLY A 446 14.52 -17.59 35.87
N TYR A 447 13.57 -18.34 35.32
CA TYR A 447 12.16 -17.99 35.45
C TYR A 447 11.45 -18.83 36.51
N LYS A 448 10.52 -18.20 37.21
CA LYS A 448 9.69 -18.85 38.22
C LYS A 448 8.51 -19.58 37.60
N ASP A 449 7.90 -20.46 38.40
CA ASP A 449 6.53 -20.97 38.16
C ASP A 449 6.28 -21.47 36.74
N ASN A 450 7.31 -22.05 36.13
CA ASN A 450 7.23 -22.54 34.75
C ASN A 450 6.70 -21.50 33.75
N ASN A 451 6.94 -20.23 34.06
CA ASN A 451 6.49 -19.13 33.23
C ASN A 451 7.72 -18.41 32.67
N PRO A 452 8.02 -18.64 31.38
CA PRO A 452 9.29 -18.15 30.80
C PRO A 452 9.40 -16.62 30.74
N PHE A 453 8.31 -15.90 30.99
CA PHE A 453 8.33 -14.45 30.92
C PHE A 453 8.89 -13.79 32.17
N THR A 454 9.05 -14.57 33.25
CA THR A 454 9.53 -14.02 34.50
C THR A 454 11.05 -14.00 34.56
N GLY A 455 11.68 -14.62 33.57
CA GLY A 455 13.13 -14.70 33.49
C GLY A 455 13.74 -13.62 32.62
N ASN A 456 14.95 -13.89 32.15
CA ASN A 456 15.73 -12.96 31.35
C ASN A 456 16.33 -13.66 30.14
N ALA A 457 16.48 -12.94 29.04
CA ALA A 457 17.06 -13.50 27.82
C ALA A 457 18.50 -13.09 27.67
N THR A 458 19.24 -13.80 26.83
CA THR A 458 20.62 -13.44 26.55
C THR A 458 20.77 -12.89 25.14
N GLY A 459 19.64 -12.62 24.50
CA GLY A 459 19.67 -12.09 23.14
C GLY A 459 18.42 -12.40 22.34
N PRO A 460 18.39 -11.94 21.07
CA PRO A 460 17.26 -12.19 20.18
C PRO A 460 17.17 -13.65 19.74
N VAL A 461 15.96 -14.09 19.45
CA VAL A 461 15.74 -15.39 18.83
C VAL A 461 16.30 -15.35 17.41
N LYS A 462 16.51 -16.51 16.81
CA LYS A 462 16.95 -16.57 15.44
C LYS A 462 15.78 -16.28 14.54
N GLY A 463 15.97 -15.38 13.61
CA GLY A 463 14.89 -14.80 12.87
C GLY A 463 14.81 -15.31 11.48
N THR A 464 13.63 -15.18 10.90
CA THR A 464 13.44 -15.46 9.51
C THR A 464 14.17 -14.55 8.53
N TRP A 465 14.09 -13.25 8.70
CA TRP A 465 14.77 -12.34 7.81
C TRP A 465 15.69 -11.46 8.57
N GLN A 466 15.42 -11.31 9.84
CA GLN A 466 15.94 -10.23 10.62
C GLN A 466 16.00 -10.88 11.91
N ASP A 467 16.78 -10.38 12.84
CA ASP A 467 16.93 -11.08 14.11
C ASP A 467 15.91 -10.63 15.13
N GLY A 468 15.30 -11.59 15.81
CA GLY A 468 14.33 -11.28 16.85
C GLY A 468 12.92 -11.24 16.32
N VAL A 469 12.76 -11.59 15.04
CA VAL A 469 11.49 -11.54 14.34
C VAL A 469 11.29 -12.81 13.50
N VAL A 470 10.10 -13.39 13.55
CA VAL A 470 9.84 -14.64 12.83
C VAL A 470 8.48 -14.60 12.11
N ASP A 471 8.46 -14.96 10.84
CA ASP A 471 7.19 -15.08 10.11
C ASP A 471 6.24 -16.07 10.79
N TYR A 472 4.95 -15.76 10.82
CA TYR A 472 4.00 -16.70 11.40
C TYR A 472 4.01 -18.03 10.62
N ARG A 473 4.24 -17.97 9.34
CA ARG A 473 4.32 -19.17 8.54
C ARG A 473 5.44 -20.05 9.06
N GLU A 474 6.56 -19.46 9.39
CA GLU A 474 7.66 -20.19 9.98
C GLU A 474 7.33 -20.80 11.33
N ILE A 475 6.65 -20.05 12.19
CA ILE A 475 6.23 -20.49 13.49
C ILE A 475 5.21 -21.59 13.40
N ALA A 476 4.29 -21.45 12.49
CA ALA A 476 3.18 -22.39 12.35
C ALA A 476 3.68 -23.75 11.88
N THR A 477 4.53 -23.72 10.86
CA THR A 477 5.16 -24.91 10.33
C THR A 477 6.01 -25.65 11.39
N GLU A 478 6.82 -24.93 12.15
CA GLU A 478 7.68 -25.57 13.14
C GLU A 478 6.92 -26.09 14.36
N ILE A 479 5.79 -25.47 14.68
CA ILE A 479 4.96 -26.01 15.76
C ILE A 479 4.46 -27.39 15.32
N ALA A 480 4.26 -27.55 14.02
CA ALA A 480 3.73 -28.77 13.50
C ALA A 480 4.80 -29.86 13.37
N GLN A 481 6.06 -29.47 13.37
CA GLN A 481 7.13 -30.45 13.36
C GLN A 481 7.61 -30.76 14.78
N GLY A 482 6.83 -30.30 15.76
CA GLY A 482 7.07 -30.60 17.15
C GLY A 482 8.28 -29.88 17.74
N LYS A 483 8.78 -28.89 17.02
CA LYS A 483 9.96 -28.14 17.43
C LYS A 483 9.67 -27.07 18.49
N TRP A 484 8.42 -26.96 18.94
CA TRP A 484 8.01 -25.93 19.89
C TRP A 484 7.06 -26.44 20.96
N GLU A 485 7.11 -25.81 22.13
CA GLU A 485 6.07 -25.98 23.13
C GLU A 485 5.06 -24.84 22.99
N TYR A 486 3.86 -25.16 22.54
CA TYR A 486 2.81 -24.17 22.37
C TYR A 486 2.04 -23.94 23.65
N HIS A 487 1.78 -22.68 23.98
CA HIS A 487 0.94 -22.33 25.12
C HIS A 487 0.04 -21.18 24.74
N TYR A 488 -1.07 -21.04 25.46
CA TYR A 488 -1.97 -19.92 25.22
C TYR A 488 -2.39 -19.25 26.52
N ASP A 489 -1.95 -18.01 26.70
CA ASP A 489 -2.38 -17.23 27.85
C ASP A 489 -3.83 -16.83 27.64
N LYS A 490 -4.74 -17.54 28.32
CA LYS A 490 -6.16 -17.31 28.17
C LYS A 490 -6.61 -16.01 28.86
N VAL A 491 -5.79 -15.50 29.78
CA VAL A 491 -6.12 -14.23 30.44
C VAL A 491 -5.71 -13.05 29.55
N ALA A 492 -4.48 -13.07 29.04
CA ALA A 492 -4.01 -12.05 28.10
C ALA A 492 -4.60 -12.20 26.69
N GLN A 493 -5.02 -13.42 26.36
CA GLN A 493 -5.45 -13.78 25.00
C GLN A 493 -4.33 -13.65 23.99
N ALA A 494 -3.25 -14.38 24.20
CA ALA A 494 -2.11 -14.36 23.28
C ALA A 494 -1.38 -15.70 23.34
N PRO A 495 -0.89 -16.19 22.19
CA PRO A 495 -0.14 -17.43 22.17
C PRO A 495 1.36 -17.17 22.25
N TYR A 496 2.13 -18.21 22.54
CA TYR A 496 3.58 -18.13 22.47
C TYR A 496 4.15 -19.51 22.44
N VAL A 497 5.31 -19.65 21.83
CA VAL A 497 6.01 -20.92 21.84
C VAL A 497 7.26 -20.80 22.69
N PHE A 498 7.64 -21.91 23.30
CA PHE A 498 8.79 -21.94 24.21
C PHE A 498 9.59 -23.21 23.99
N ARG A 499 10.90 -23.11 24.08
CA ARG A 499 11.79 -24.25 23.90
C ARG A 499 12.75 -24.37 25.08
N PRO A 500 12.36 -25.12 26.13
CA PRO A 500 13.02 -25.14 27.44
C PRO A 500 14.52 -25.47 27.37
N ALA A 501 14.90 -26.23 26.35
CA ALA A 501 16.30 -26.56 26.11
C ALA A 501 17.11 -25.30 25.88
N THR A 502 17.05 -24.79 24.66
CA THR A 502 17.78 -23.60 24.25
C THR A 502 17.34 -22.29 24.95
N GLY A 503 16.19 -22.32 25.62
CA GLY A 503 15.63 -21.11 26.20
C GLY A 503 15.01 -20.16 25.17
N ASP A 504 14.43 -20.69 24.10
CA ASP A 504 13.82 -19.88 23.05
C ASP A 504 12.34 -19.54 23.35
N LEU A 505 12.00 -18.26 23.22
CA LEU A 505 10.66 -17.77 23.55
C LEU A 505 10.17 -16.81 22.47
N ILE A 506 8.96 -17.03 21.97
CA ILE A 506 8.44 -16.22 20.86
C ILE A 506 6.99 -15.76 21.05
N THR A 507 6.76 -14.45 20.98
CA THR A 507 5.39 -13.92 21.04
C THR A 507 4.84 -13.60 19.65
N TYR A 508 3.60 -14.00 19.41
CA TYR A 508 2.94 -13.75 18.14
C TYR A 508 1.43 -13.73 18.28
N ASP A 509 0.74 -13.50 17.17
CA ASP A 509 -0.70 -13.66 17.12
C ASP A 509 -0.98 -14.94 16.35
N ASP A 510 -1.92 -15.74 16.82
CA ASP A 510 -2.37 -16.88 16.04
C ASP A 510 -3.86 -16.72 15.77
N ALA A 511 -4.49 -17.70 15.14
CA ALA A 511 -5.89 -17.56 14.75
C ALA A 511 -6.79 -17.43 15.96
N ARG A 512 -6.38 -17.95 17.11
CA ARG A 512 -7.22 -17.88 18.29
C ARG A 512 -7.21 -16.48 18.91
N SER A 513 -6.04 -15.88 19.02
CA SER A 513 -5.98 -14.51 19.52
C SER A 513 -6.60 -13.54 18.53
N THR A 514 -6.55 -13.92 17.25
CA THR A 514 -7.02 -13.05 16.18
C THR A 514 -8.55 -13.05 16.13
N ILE A 515 -9.15 -14.22 16.30
CA ILE A 515 -10.59 -14.32 16.43
C ILE A 515 -11.05 -13.53 17.66
N GLU A 516 -10.28 -13.61 18.74
CA GLU A 516 -10.58 -12.85 19.95
C GLU A 516 -10.50 -11.35 19.73
N LYS A 517 -9.55 -10.90 18.92
CA LYS A 517 -9.50 -9.48 18.56
C LYS A 517 -10.70 -9.10 17.70
N GLY A 518 -11.14 -10.04 16.87
CA GLY A 518 -12.34 -9.89 16.07
C GLY A 518 -13.57 -9.70 16.95
N LYS A 519 -13.74 -10.58 17.94
CA LYS A 519 -14.83 -10.48 18.88
C LYS A 519 -14.78 -9.17 19.67
N TYR A 520 -13.57 -8.72 19.98
CA TYR A 520 -13.41 -7.46 20.69
C TYR A 520 -13.85 -6.30 19.81
N VAL A 521 -13.39 -6.29 18.56
CA VAL A 521 -13.77 -5.26 17.60
C VAL A 521 -15.28 -5.16 17.42
N ARG A 522 -15.96 -6.31 17.37
CA ARG A 522 -17.40 -6.34 17.16
C ARG A 522 -18.17 -5.94 18.43
N ALA A 523 -17.70 -6.39 19.59
CA ALA A 523 -18.38 -6.07 20.84
C ALA A 523 -18.33 -4.57 21.07
N ASN A 524 -17.21 -3.95 20.72
CA ASN A 524 -16.98 -2.55 21.05
C ASN A 524 -17.27 -1.62 19.89
N LYS A 525 -17.88 -2.20 18.85
CA LYS A 525 -18.25 -1.45 17.65
C LYS A 525 -17.07 -0.70 17.08
N LEU A 526 -15.96 -1.42 16.89
CA LEU A 526 -14.77 -0.83 16.31
C LEU A 526 -14.79 -0.98 14.79
N GLY A 527 -13.80 -0.40 14.14
CA GLY A 527 -13.77 -0.34 12.69
C GLY A 527 -13.44 -1.65 11.99
N GLY A 528 -12.61 -2.47 12.64
CA GLY A 528 -12.13 -3.72 12.07
C GLY A 528 -10.69 -4.04 12.42
N LEU A 529 -10.08 -4.94 11.65
CA LEU A 529 -8.72 -5.40 11.94
C LEU A 529 -7.83 -5.11 10.74
N PHE A 530 -6.53 -4.92 10.99
CA PHE A 530 -5.57 -4.87 9.90
C PHE A 530 -4.33 -5.65 10.33
N ALA A 531 -3.51 -6.03 9.37
CA ALA A 531 -2.36 -6.88 9.66
C ALA A 531 -1.03 -6.37 9.11
N TRP A 532 0.03 -6.51 9.91
CA TRP A 532 1.40 -6.37 9.44
C TRP A 532 2.07 -7.72 9.62
N GLU A 533 2.70 -8.28 8.58
CA GLU A 533 2.66 -7.84 7.19
C GLU A 533 2.18 -9.02 6.31
N ILE A 534 1.56 -8.74 5.17
CA ILE A 534 0.75 -9.74 4.46
C ILE A 534 1.51 -10.99 4.01
N ASP A 535 2.81 -10.87 3.79
CA ASP A 535 3.62 -11.98 3.27
C ASP A 535 4.08 -13.00 4.31
N ALA A 536 4.00 -12.65 5.58
CA ALA A 536 4.44 -13.55 6.64
C ALA A 536 3.32 -14.48 7.10
N ASP A 537 2.15 -14.33 6.50
CA ASP A 537 1.00 -15.18 6.84
C ASP A 537 0.98 -16.40 5.93
N ASN A 538 0.44 -17.51 6.44
CA ASN A 538 0.22 -18.71 5.63
C ASN A 538 -1.24 -18.82 5.22
N GLY A 539 -2.04 -17.84 5.64
CA GLY A 539 -3.46 -17.80 5.38
C GLY A 539 -4.30 -17.95 6.65
N ASP A 540 -3.77 -18.66 7.65
CA ASP A 540 -4.49 -18.89 8.90
C ASP A 540 -5.03 -17.59 9.52
N ILE A 541 -4.14 -16.61 9.68
CA ILE A 541 -4.49 -15.39 10.37
C ILE A 541 -5.51 -14.56 9.61
N LEU A 542 -5.30 -14.35 8.31
CA LEU A 542 -6.29 -13.61 7.54
C LEU A 542 -7.64 -14.34 7.53
N ASN A 543 -7.60 -15.66 7.52
CA ASN A 543 -8.82 -16.44 7.68
C ASN A 543 -9.48 -16.10 9.00
N ALA A 544 -8.65 -15.98 10.04
CA ALA A 544 -9.16 -15.66 11.36
C ALA A 544 -9.75 -14.26 11.40
N MET A 545 -9.01 -13.28 10.89
CA MET A 545 -9.49 -11.91 10.77
C MET A 545 -10.90 -11.87 10.12
N ASN A 546 -11.03 -12.51 8.96
CA ASN A 546 -12.33 -12.55 8.28
C ASN A 546 -13.38 -13.31 9.08
N MET A 547 -13.01 -14.48 9.59
CA MET A 547 -13.98 -15.28 10.33
CA MET A 547 -13.87 -15.35 10.40
C MET A 547 -14.36 -14.61 11.64
N GLY A 548 -13.46 -13.81 12.19
CA GLY A 548 -13.68 -13.13 13.45
C GLY A 548 -14.39 -11.80 13.36
N LEU A 549 -14.52 -11.25 12.15
CA LEU A 549 -15.24 -9.98 11.96
C LEU A 549 -16.64 -10.21 11.41
N GLY A 550 -16.99 -11.48 11.21
CA GLY A 550 -18.31 -11.84 10.76
C GLY A 550 -18.50 -11.90 9.26
N ASN A 551 -17.42 -12.10 8.52
CA ASN A 551 -17.49 -12.19 7.06
C ASN A 551 -17.95 -13.56 6.58
N SER A 552 -18.39 -13.63 5.33
CA SER A 552 -18.96 -14.85 4.77
C SER A 552 -17.92 -15.75 4.12
N ALA A 553 -17.93 -17.02 4.50
CA ALA A 553 -17.14 -18.03 3.82
C ALA A 553 -17.99 -18.76 2.77
#